data_9GUH
#
_entry.id   9GUH
#
_cell.length_a   96.385
_cell.length_b   96.385
_cell.length_c   126.893
_cell.angle_alpha   90.00
_cell.angle_beta   90.00
_cell.angle_gamma   120.00
#
_symmetry.space_group_name_H-M   'P 64 2 2'
#
_entity_poly.entity_id   1
_entity_poly.type   'polypeptide(L)'
_entity_poly.pdbx_seq_one_letter_code
;MLANENSLLTMFRELGSGKLPLQIEQFERGKTIFFPGDPAERVYLLVKGAVKLSRVYESGEEITVALLRENSVFGVLSLL
TGQRSDRFYHAVAFTPVQLFSVPIEFMQKALIERPELANVMLQGLSSRILQTEMMIETLAHRDMGSRLVSFLLILCRDFG
IPSPDGITIDLKLSHQAIAEAIGSTRVTVTRLLGDLRESKLIAIHKKRITVFNPVALSQQFS
;
_entity_poly.pdbx_strand_id   A
#
# COMPACT_ATOMS: atom_id res chain seq x y z
N SER A 7 4.37 -6.31 -17.76
CA SER A 7 4.98 -5.16 -17.03
C SER A 7 6.12 -5.60 -16.09
N LEU A 8 5.84 -6.49 -15.12
CA LEU A 8 6.87 -7.06 -14.24
C LEU A 8 7.71 -8.09 -14.97
N LEU A 9 7.09 -8.82 -15.91
CA LEU A 9 7.75 -9.87 -16.66
C LEU A 9 8.92 -9.28 -17.44
N THR A 10 8.81 -7.97 -17.79
CA THR A 10 9.85 -7.31 -18.55
C THR A 10 11.11 -7.25 -17.68
N MET A 11 10.96 -7.01 -16.36
CA MET A 11 12.07 -7.08 -15.42
C MET A 11 12.68 -8.49 -15.47
N PHE A 12 11.82 -9.53 -15.35
CA PHE A 12 12.27 -10.91 -15.28
C PHE A 12 13.05 -11.28 -16.55
N ARG A 13 12.48 -10.93 -17.73
CA ARG A 13 13.07 -11.35 -19.00
C ARG A 13 14.47 -10.72 -19.15
N GLU A 14 14.66 -9.48 -18.72
CA GLU A 14 15.99 -8.86 -18.69
C GLU A 14 16.76 -9.40 -17.48
N LEU A 15 18.09 -9.35 -17.55
CA LEU A 15 18.92 -10.00 -16.54
C LEU A 15 18.43 -11.43 -16.31
N GLY A 16 18.31 -12.23 -17.38
CA GLY A 16 17.75 -13.57 -17.26
C GLY A 16 18.10 -14.53 -18.40
N SER A 17 18.61 -15.71 -18.05
CA SER A 17 18.85 -16.80 -19.00
C SER A 17 18.81 -18.10 -18.23
N GLY A 18 17.80 -18.22 -17.38
CA GLY A 18 17.61 -19.40 -16.53
C GLY A 18 16.14 -19.81 -16.39
N LYS A 19 15.81 -20.31 -15.19
CA LYS A 19 14.47 -20.76 -14.81
C LYS A 19 14.15 -20.28 -13.39
N LEU A 20 12.94 -19.73 -13.15
CA LEU A 20 12.56 -19.16 -11.86
C LEU A 20 11.22 -19.73 -11.37
N PRO A 21 11.24 -20.40 -10.19
CA PRO A 21 10.04 -20.88 -9.50
C PRO A 21 9.34 -19.75 -8.78
N LEU A 22 8.03 -19.69 -8.98
CA LEU A 22 7.22 -18.74 -8.28
C LEU A 22 5.82 -19.29 -8.19
N GLN A 23 5.03 -18.58 -7.42
CA GLN A 23 3.64 -18.92 -7.30
C GLN A 23 2.83 -17.65 -7.55
N ILE A 24 1.97 -17.72 -8.54
CA ILE A 24 0.89 -16.76 -8.66
C ILE A 24 -0.12 -17.04 -7.54
N GLU A 25 -0.58 -15.97 -6.91
CA GLU A 25 -1.71 -16.10 -6.00
C GLU A 25 -2.60 -14.86 -6.05
N GLN A 26 -3.91 -15.14 -6.05
CA GLN A 26 -4.90 -14.09 -6.17
C GLN A 26 -5.92 -14.21 -5.06
N PHE A 27 -6.01 -13.12 -4.29
CA PHE A 27 -6.90 -13.03 -3.16
C PHE A 27 -7.98 -12.01 -3.46
N GLU A 28 -9.15 -12.16 -2.82
CA GLU A 28 -10.22 -11.17 -2.87
C GLU A 28 -10.02 -10.09 -1.80
N ARG A 29 -10.66 -8.91 -1.96
CA ARG A 29 -10.42 -7.77 -1.05
C ARG A 29 -10.68 -8.18 0.40
N GLY A 30 -9.81 -7.71 1.32
CA GLY A 30 -9.99 -7.95 2.74
C GLY A 30 -9.45 -9.32 3.21
N LYS A 31 -8.77 -10.04 2.32
CA LYS A 31 -8.21 -11.33 2.70
C LYS A 31 -6.76 -11.19 3.12
N THR A 32 -6.42 -11.94 4.19
CA THR A 32 -5.07 -12.01 4.71
C THR A 32 -4.17 -12.75 3.73
N ILE A 33 -3.01 -12.14 3.44
CA ILE A 33 -1.96 -12.70 2.61
C ILE A 33 -0.96 -13.44 3.50
N PHE A 34 -0.49 -12.73 4.53
CA PHE A 34 0.23 -13.36 5.63
C PHE A 34 -0.05 -12.61 6.92
N PHE A 35 0.18 -13.32 8.05
CA PHE A 35 -0.06 -12.76 9.36
C PHE A 35 1.29 -12.62 10.05
N PRO A 36 1.47 -11.65 10.98
CA PRO A 36 2.69 -11.60 11.78
C PRO A 36 2.86 -12.84 12.63
N GLY A 37 4.08 -13.34 12.73
CA GLY A 37 4.32 -14.59 13.41
C GLY A 37 4.45 -15.72 12.39
N ASP A 38 3.61 -15.67 11.36
CA ASP A 38 3.67 -16.59 10.24
C ASP A 38 5.11 -16.70 9.75
N PRO A 39 5.53 -17.90 9.26
CA PRO A 39 6.89 -18.07 8.75
C PRO A 39 7.05 -17.40 7.39
N ALA A 40 8.11 -16.61 7.25
CA ALA A 40 8.45 -15.99 5.98
C ALA A 40 9.17 -17.00 5.11
N GLU A 41 8.46 -17.59 4.14
CA GLU A 41 9.03 -18.65 3.31
C GLU A 41 9.31 -18.15 1.90
N ARG A 42 8.49 -17.18 1.47
CA ARG A 42 8.63 -16.65 0.09
C ARG A 42 8.39 -15.14 0.04
N VAL A 43 9.15 -14.43 -0.79
CA VAL A 43 9.01 -12.99 -1.00
C VAL A 43 7.87 -12.69 -1.98
N TYR A 44 7.12 -11.63 -1.75
CA TYR A 44 5.93 -11.32 -2.53
C TYR A 44 6.15 -10.14 -3.50
N LEU A 45 5.41 -10.16 -4.61
CA LEU A 45 5.51 -9.14 -5.63
C LEU A 45 4.12 -8.83 -6.15
N LEU A 46 3.64 -7.61 -5.88
CA LEU A 46 2.30 -7.17 -6.23
C LEU A 46 2.24 -6.86 -7.70
N VAL A 47 1.35 -7.55 -8.42
CA VAL A 47 1.27 -7.41 -9.86
C VAL A 47 0.16 -6.43 -10.15
N LYS A 48 -1.02 -6.68 -9.58
CA LYS A 48 -2.21 -5.87 -9.79
C LYS A 48 -2.92 -5.69 -8.46
N GLY A 49 -3.37 -4.48 -8.19
CA GLY A 49 -4.09 -4.22 -6.96
C GLY A 49 -3.25 -3.48 -5.94
N ALA A 50 -3.74 -3.44 -4.71
CA ALA A 50 -3.05 -2.80 -3.60
C ALA A 50 -3.10 -3.70 -2.38
N VAL A 51 -1.95 -3.82 -1.69
CA VAL A 51 -1.89 -4.58 -0.46
C VAL A 51 -1.55 -3.64 0.69
N LYS A 52 -2.37 -3.70 1.75
CA LYS A 52 -2.24 -2.86 2.93
C LYS A 52 -1.49 -3.59 4.04
N LEU A 53 -0.29 -3.09 4.36
CA LEU A 53 0.53 -3.59 5.44
C LEU A 53 0.21 -2.83 6.72
N SER A 54 -0.13 -3.58 7.76
CA SER A 54 -0.52 -3.01 9.03
C SER A 54 0.12 -3.81 10.17
N ARG A 55 0.66 -3.08 11.14
CA ARG A 55 1.24 -3.67 12.34
C ARG A 55 0.12 -3.96 13.31
N VAL A 56 0.00 -5.23 13.70
CA VAL A 56 -0.97 -5.67 14.71
C VAL A 56 -0.32 -5.63 16.10
N TYR A 57 -0.91 -4.78 16.97
CA TYR A 57 -0.36 -4.47 18.27
C TYR A 57 -0.58 -5.63 19.21
N GLU A 58 0.30 -5.65 20.24
CA GLU A 58 0.43 -6.73 21.19
C GLU A 58 -0.88 -6.94 21.98
N SER A 59 -1.83 -5.98 21.88
CA SER A 59 -3.19 -6.12 22.37
C SER A 59 -4.10 -6.62 21.23
N GLY A 60 -5.20 -5.88 20.98
CA GLY A 60 -6.11 -6.19 19.88
C GLY A 60 -5.87 -5.29 18.66
N GLU A 61 -5.22 -4.15 18.89
CA GLU A 61 -5.16 -3.08 17.89
C GLU A 61 -4.47 -3.48 16.58
N GLU A 62 -4.82 -2.75 15.52
CA GLU A 62 -4.14 -2.82 14.25
C GLU A 62 -3.94 -1.41 13.69
N ILE A 63 -2.69 -1.02 13.44
CA ILE A 63 -2.34 0.30 12.97
C ILE A 63 -1.73 0.15 11.57
N THR A 64 -2.21 0.97 10.62
CA THR A 64 -1.82 0.88 9.21
C THR A 64 -0.45 1.50 9.01
N VAL A 65 0.44 0.74 8.34
CA VAL A 65 1.84 1.10 8.21
C VAL A 65 2.16 1.55 6.78
N ALA A 66 1.70 0.80 5.77
CA ALA A 66 1.87 1.19 4.37
C ALA A 66 0.78 0.60 3.48
N LEU A 67 0.46 1.31 2.40
CA LEU A 67 -0.42 0.90 1.32
C LEU A 67 0.45 0.77 0.08
N LEU A 68 0.45 -0.43 -0.51
CA LEU A 68 1.42 -0.72 -1.56
C LEU A 68 0.77 -0.65 -2.94
N ARG A 69 1.50 -0.02 -3.84
CA ARG A 69 1.08 0.17 -5.24
C ARG A 69 1.57 -1.02 -6.07
N GLU A 70 1.01 -1.14 -7.29
CA GLU A 70 1.40 -2.16 -8.25
C GLU A 70 2.92 -2.16 -8.49
N ASN A 71 3.48 -3.34 -8.75
CA ASN A 71 4.90 -3.57 -9.01
C ASN A 71 5.77 -3.34 -7.78
N SER A 72 5.23 -3.51 -6.58
CA SER A 72 5.93 -3.30 -5.33
C SER A 72 6.28 -4.65 -4.68
N VAL A 73 7.44 -4.72 -4.03
CA VAL A 73 7.90 -5.96 -3.41
C VAL A 73 7.69 -5.88 -1.90
N PHE A 74 7.25 -7.01 -1.28
CA PHE A 74 6.95 -7.01 0.15
C PHE A 74 7.14 -8.37 0.82
N GLY A 75 7.16 -8.39 2.18
CA GLY A 75 7.46 -9.61 2.89
C GLY A 75 8.91 -10.03 2.67
N VAL A 76 9.78 -9.02 2.62
CA VAL A 76 11.18 -9.24 2.33
C VAL A 76 12.05 -9.03 3.56
N LEU A 77 11.60 -8.18 4.48
CA LEU A 77 12.40 -7.73 5.61
C LEU A 77 12.97 -8.89 6.43
N SER A 78 12.19 -9.96 6.64
CA SER A 78 12.62 -11.13 7.39
C SER A 78 13.88 -11.72 6.77
N LEU A 79 13.85 -11.90 5.43
CA LEU A 79 15.04 -12.36 4.71
C LEU A 79 16.23 -11.38 4.84
N LEU A 80 15.98 -10.12 4.49
CA LEU A 80 17.09 -9.12 4.47
C LEU A 80 17.83 -9.14 5.81
N THR A 81 17.11 -9.05 6.93
CA THR A 81 17.75 -9.01 8.22
C THR A 81 18.72 -10.16 8.39
N GLY A 82 18.34 -11.34 7.89
CA GLY A 82 19.17 -12.51 8.11
C GLY A 82 19.07 -13.03 9.54
N GLN A 83 18.25 -12.42 10.41
CA GLN A 83 18.14 -12.82 11.81
C GLN A 83 16.75 -13.37 12.08
N ARG A 84 15.74 -12.52 11.86
CA ARG A 84 14.34 -12.86 12.04
C ARG A 84 13.92 -13.74 10.87
N SER A 85 13.20 -14.83 11.13
CA SER A 85 12.82 -15.75 10.06
C SER A 85 11.31 -15.82 9.80
N ASP A 86 10.53 -14.95 10.45
CA ASP A 86 9.08 -14.95 10.34
C ASP A 86 8.52 -13.52 10.27
N ARG A 87 7.26 -13.42 9.78
CA ARG A 87 6.64 -12.19 9.32
C ARG A 87 6.69 -10.99 10.27
N PHE A 88 6.64 -9.79 9.65
CA PHE A 88 6.73 -8.54 10.37
C PHE A 88 5.35 -7.89 10.57
N TYR A 89 4.54 -7.90 9.49
CA TYR A 89 3.24 -7.22 9.49
C TYR A 89 2.13 -8.13 8.96
N HIS A 90 0.92 -7.57 8.92
CA HIS A 90 -0.26 -8.23 8.41
C HIS A 90 -0.58 -7.67 7.05
N ALA A 91 -0.33 -8.47 6.01
CA ALA A 91 -0.60 -8.07 4.64
C ALA A 91 -2.05 -8.40 4.28
N VAL A 92 -2.81 -7.36 3.96
CA VAL A 92 -4.20 -7.51 3.57
C VAL A 92 -4.34 -7.06 2.11
N ALA A 93 -5.20 -7.77 1.37
CA ALA A 93 -5.55 -7.39 0.02
C ALA A 93 -6.54 -6.23 0.04
N PHE A 94 -6.04 -5.01 -0.17
CA PHE A 94 -6.86 -3.82 -0.05
C PHE A 94 -7.86 -3.78 -1.19
N THR A 95 -7.37 -3.92 -2.43
CA THR A 95 -8.20 -4.24 -3.58
C THR A 95 -7.99 -5.72 -3.88
N PRO A 96 -8.71 -6.32 -4.85
CA PRO A 96 -8.31 -7.66 -5.29
C PRO A 96 -6.86 -7.63 -5.80
N VAL A 97 -6.07 -8.63 -5.43
CA VAL A 97 -4.65 -8.62 -5.74
C VAL A 97 -4.23 -9.85 -6.55
N GLN A 98 -3.29 -9.61 -7.48
CA GLN A 98 -2.52 -10.68 -8.09
C GLN A 98 -1.07 -10.54 -7.64
N LEU A 99 -0.50 -11.64 -7.16
CA LEU A 99 0.78 -11.61 -6.48
C LEU A 99 1.72 -12.65 -7.11
N PHE A 100 3.01 -12.42 -7.01
CA PHE A 100 4.03 -13.45 -7.23
C PHE A 100 4.72 -13.79 -5.91
N SER A 101 4.55 -15.03 -5.48
CA SER A 101 5.30 -15.60 -4.37
C SER A 101 6.59 -16.19 -4.92
N VAL A 102 7.74 -15.71 -4.45
CA VAL A 102 9.02 -16.27 -4.86
C VAL A 102 9.78 -16.73 -3.61
N PRO A 103 10.15 -18.03 -3.55
CA PRO A 103 10.89 -18.57 -2.43
C PRO A 103 12.13 -17.78 -2.12
N ILE A 104 12.33 -17.48 -0.83
CA ILE A 104 13.43 -16.65 -0.36
C ILE A 104 14.73 -16.93 -1.12
N GLU A 105 15.13 -18.20 -1.24
CA GLU A 105 16.39 -18.61 -1.86
C GLU A 105 16.70 -17.77 -3.10
N PHE A 106 15.72 -17.66 -4.01
CA PHE A 106 15.91 -17.04 -5.31
C PHE A 106 16.07 -15.53 -5.18
N MET A 107 15.40 -14.92 -4.20
CA MET A 107 15.55 -13.51 -3.92
C MET A 107 16.98 -13.22 -3.44
N GLN A 108 17.59 -14.19 -2.73
CA GLN A 108 18.99 -14.09 -2.33
C GLN A 108 19.93 -14.27 -3.52
N LYS A 109 19.63 -15.25 -4.37
CA LYS A 109 20.45 -15.56 -5.53
C LYS A 109 20.46 -14.38 -6.51
N ALA A 110 19.31 -13.71 -6.64
CA ALA A 110 19.18 -12.55 -7.50
C ALA A 110 20.04 -11.42 -6.96
N LEU A 111 19.93 -11.14 -5.65
CA LEU A 111 20.59 -9.99 -5.05
C LEU A 111 22.11 -10.13 -5.07
N ILE A 112 22.59 -11.37 -5.08
CA ILE A 112 24.02 -11.66 -5.08
C ILE A 112 24.58 -11.48 -6.48
N GLU A 113 23.94 -12.08 -7.49
CA GLU A 113 24.46 -12.12 -8.84
C GLU A 113 24.28 -10.78 -9.54
N ARG A 114 23.06 -10.19 -9.42
CA ARG A 114 22.72 -8.96 -10.11
C ARG A 114 22.56 -7.86 -9.05
N PRO A 115 23.64 -7.34 -8.43
CA PRO A 115 23.55 -6.48 -7.25
C PRO A 115 23.01 -5.08 -7.53
N GLU A 116 22.80 -4.71 -8.81
CA GLU A 116 22.07 -3.49 -9.14
C GLU A 116 20.67 -3.55 -8.50
N LEU A 117 20.15 -4.79 -8.41
CA LEU A 117 18.87 -5.12 -7.81
C LEU A 117 18.81 -4.63 -6.36
N ALA A 118 19.97 -4.51 -5.73
CA ALA A 118 20.04 -4.02 -4.36
C ALA A 118 19.77 -2.53 -4.29
N ASN A 119 20.33 -1.76 -5.27
CA ASN A 119 20.16 -0.31 -5.30
C ASN A 119 18.70 0.08 -5.53
N VAL A 120 18.09 -0.67 -6.44
CA VAL A 120 16.68 -0.46 -6.78
C VAL A 120 15.79 -0.76 -5.57
N MET A 121 16.07 -1.87 -4.90
CA MET A 121 15.28 -2.29 -3.76
C MET A 121 15.63 -1.47 -2.50
N LEU A 122 16.86 -0.98 -2.43
CA LEU A 122 17.28 -0.09 -1.36
C LEU A 122 16.50 1.22 -1.45
N GLN A 123 16.38 1.75 -2.69
CA GLN A 123 15.68 3.00 -2.93
C GLN A 123 14.18 2.82 -2.67
N GLY A 124 13.66 1.64 -3.06
CA GLY A 124 12.24 1.29 -2.96
C GLY A 124 11.79 1.20 -1.51
N LEU A 125 12.68 0.70 -0.65
CA LEU A 125 12.39 0.55 0.77
C LEU A 125 12.38 1.91 1.46
N SER A 126 13.23 2.84 1.01
CA SER A 126 13.29 4.19 1.54
C SER A 126 11.95 4.90 1.33
N SER A 127 11.46 4.83 0.07
CA SER A 127 10.18 5.37 -0.28
C SER A 127 9.09 4.78 0.61
N ARG A 128 9.22 3.48 0.93
CA ARG A 128 8.25 2.82 1.82
C ARG A 128 8.24 3.52 3.18
N ILE A 129 9.44 3.77 3.73
CA ILE A 129 9.53 4.44 5.04
C ILE A 129 8.94 5.86 5.00
N LEU A 130 9.24 6.65 3.95
CA LEU A 130 8.66 7.98 3.79
C LEU A 130 7.14 7.86 3.85
N GLN A 131 6.56 6.85 3.19
CA GLN A 131 5.12 6.68 3.19
C GLN A 131 4.59 6.38 4.59
N THR A 132 5.36 5.61 5.38
CA THR A 132 5.02 5.29 6.76
C THR A 132 5.11 6.52 7.63
N GLU A 133 6.04 7.41 7.31
CA GLU A 133 6.24 8.66 8.02
C GLU A 133 5.05 9.59 7.81
N MET A 134 4.53 9.64 6.58
CA MET A 134 3.33 10.38 6.26
C MET A 134 2.10 9.69 6.88
N MET A 135 2.12 8.35 6.98
CA MET A 135 1.08 7.55 7.63
C MET A 135 1.01 7.86 9.12
N ILE A 136 2.16 8.10 9.75
CA ILE A 136 2.24 8.42 11.16
C ILE A 136 1.73 9.84 11.38
N GLU A 137 2.17 10.76 10.53
CA GLU A 137 1.75 12.16 10.62
C GLU A 137 0.25 12.27 10.37
N THR A 138 -0.28 11.40 9.47
CA THR A 138 -1.70 11.31 9.18
C THR A 138 -2.48 10.95 10.44
N LEU A 139 -2.08 9.86 11.11
CA LEU A 139 -2.84 9.28 12.22
C LEU A 139 -2.69 10.07 13.52
N ALA A 140 -1.70 10.98 13.58
CA ALA A 140 -1.46 11.78 14.78
C ALA A 140 -2.50 12.90 14.96
N HIS A 141 -3.25 13.28 13.92
CA HIS A 141 -4.25 14.34 14.02
C HIS A 141 -5.38 13.89 14.94
N ARG A 142 -5.78 14.74 15.92
CA ARG A 142 -6.78 14.33 16.92
C ARG A 142 -8.18 14.24 16.30
N ASP A 143 -8.45 15.07 15.28
CA ASP A 143 -9.73 15.08 14.59
C ASP A 143 -9.71 14.22 13.33
N MET A 144 -10.89 13.69 12.95
CA MET A 144 -11.02 12.80 11.80
C MET A 144 -10.94 13.56 10.47
N GLY A 145 -11.17 14.88 10.49
CA GLY A 145 -11.13 15.68 9.28
C GLY A 145 -9.74 15.84 8.67
N SER A 146 -8.82 16.43 9.44
CA SER A 146 -7.42 16.57 9.04
C SER A 146 -6.78 15.20 8.77
N ARG A 147 -7.25 14.17 9.47
CA ARG A 147 -6.76 12.82 9.27
C ARG A 147 -7.16 12.27 7.89
N LEU A 148 -8.40 12.54 7.43
CA LEU A 148 -8.90 12.05 6.15
C LEU A 148 -8.16 12.75 5.01
N VAL A 149 -8.00 14.07 5.15
CA VAL A 149 -7.30 14.86 4.15
C VAL A 149 -5.89 14.31 3.93
N SER A 150 -5.11 14.12 5.02
CA SER A 150 -3.75 13.60 4.96
C SER A 150 -3.70 12.27 4.21
N PHE A 151 -4.64 11.39 4.54
CA PHE A 151 -4.74 10.08 3.93
C PHE A 151 -5.00 10.21 2.43
N LEU A 152 -5.94 11.07 2.04
CA LEU A 152 -6.28 11.26 0.63
C LEU A 152 -5.15 11.94 -0.13
N LEU A 153 -4.38 12.77 0.57
CA LEU A 153 -3.20 13.40 0.00
C LEU A 153 -2.08 12.38 -0.24
N ILE A 154 -1.98 11.38 0.63
CA ILE A 154 -1.03 10.29 0.44
C ILE A 154 -1.42 9.53 -0.81
N LEU A 155 -2.71 9.19 -0.92
CA LEU A 155 -3.21 8.45 -2.07
C LEU A 155 -3.01 9.23 -3.37
N CYS A 156 -3.14 10.57 -3.34
CA CYS A 156 -2.88 11.40 -4.51
C CYS A 156 -1.44 11.28 -4.96
N ARG A 157 -0.50 11.34 -4.00
CA ARG A 157 0.94 11.34 -4.34
C ARG A 157 1.39 9.96 -4.82
N ASP A 158 0.77 8.89 -4.29
CA ASP A 158 1.24 7.55 -4.61
C ASP A 158 0.27 6.74 -5.50
N PHE A 159 -1.00 7.15 -5.64
CA PHE A 159 -2.01 6.39 -6.41
C PHE A 159 -2.77 7.27 -7.39
N GLY A 160 -2.28 8.50 -7.62
CA GLY A 160 -3.02 9.50 -8.37
C GLY A 160 -2.74 9.44 -9.87
N ILE A 161 -3.83 9.54 -10.65
CA ILE A 161 -3.69 9.63 -12.10
C ILE A 161 -4.06 11.04 -12.54
N PRO A 162 -3.10 11.88 -13.01
CA PRO A 162 -3.40 13.22 -13.49
C PRO A 162 -4.54 13.28 -14.51
N SER A 163 -5.48 14.21 -14.31
CA SER A 163 -6.60 14.41 -15.23
C SER A 163 -6.92 15.91 -15.27
N PRO A 164 -7.39 16.47 -16.42
CA PRO A 164 -7.84 17.86 -16.45
C PRO A 164 -8.95 18.10 -15.43
N ASP A 165 -9.76 17.06 -15.13
CA ASP A 165 -10.60 17.04 -13.93
C ASP A 165 -9.76 17.30 -12.67
N GLY A 166 -8.74 16.49 -12.42
CA GLY A 166 -7.90 16.68 -11.24
C GLY A 166 -6.97 15.47 -11.06
N ILE A 167 -6.70 15.07 -9.81
CA ILE A 167 -5.91 13.86 -9.57
C ILE A 167 -6.83 12.74 -9.08
N THR A 168 -7.24 11.86 -10.01
CA THR A 168 -8.07 10.71 -9.72
C THR A 168 -7.28 9.68 -8.93
N ILE A 169 -7.78 9.32 -7.74
CA ILE A 169 -7.20 8.24 -6.93
C ILE A 169 -7.73 6.92 -7.46
N ASP A 170 -6.84 6.27 -8.21
CA ASP A 170 -7.17 5.08 -8.99
C ASP A 170 -7.23 3.88 -8.05
N LEU A 171 -8.37 3.75 -7.33
CA LEU A 171 -8.51 2.67 -6.38
C LEU A 171 -9.88 1.97 -6.42
N LYS A 172 -10.96 2.74 -6.61
CA LYS A 172 -12.32 2.23 -6.45
C LYS A 172 -12.41 1.63 -5.05
N LEU A 173 -12.48 2.49 -4.03
CA LEU A 173 -12.36 2.06 -2.63
C LEU A 173 -13.67 2.36 -1.87
N SER A 174 -14.02 1.49 -0.91
CA SER A 174 -15.26 1.63 -0.15
C SER A 174 -15.08 2.51 1.10
N HIS A 175 -16.18 3.11 1.58
CA HIS A 175 -16.19 3.96 2.76
C HIS A 175 -15.73 3.20 4.01
N GLN A 176 -16.15 1.92 4.12
CA GLN A 176 -15.79 1.07 5.24
C GLN A 176 -14.33 0.64 5.17
N ALA A 177 -13.76 0.63 3.95
CA ALA A 177 -12.36 0.25 3.74
C ALA A 177 -11.42 1.37 4.16
N ILE A 178 -11.84 2.62 3.87
CA ILE A 178 -11.09 3.82 4.23
C ILE A 178 -11.01 3.89 5.76
N ALA A 179 -12.16 3.66 6.41
CA ALA A 179 -12.28 3.70 7.86
C ALA A 179 -11.24 2.78 8.54
N GLU A 180 -11.17 1.52 8.11
CA GLU A 180 -10.28 0.54 8.75
C GLU A 180 -8.81 0.88 8.55
N ALA A 181 -8.52 1.75 7.56
CA ALA A 181 -7.16 2.21 7.29
C ALA A 181 -6.87 3.52 8.05
N ILE A 182 -7.93 4.30 8.36
CA ILE A 182 -7.79 5.62 8.95
C ILE A 182 -8.17 5.64 10.44
N GLY A 183 -8.95 4.67 10.90
CA GLY A 183 -9.35 4.62 12.28
C GLY A 183 -10.61 5.45 12.56
N SER A 184 -11.69 5.23 11.78
CA SER A 184 -12.98 5.88 12.01
C SER A 184 -14.11 4.90 11.69
N THR A 185 -15.23 5.40 11.13
CA THR A 185 -16.38 4.57 10.78
C THR A 185 -16.87 4.82 9.35
N ARG A 186 -17.59 3.84 8.77
CA ARG A 186 -18.25 3.99 7.48
C ARG A 186 -19.50 4.86 7.63
N VAL A 187 -19.48 5.75 8.63
CA VAL A 187 -20.54 6.71 8.91
C VAL A 187 -19.94 8.12 9.00
N THR A 188 -18.82 8.28 9.72
CA THR A 188 -18.09 9.54 9.79
C THR A 188 -17.37 9.82 8.46
N VAL A 189 -16.89 8.77 7.78
CA VAL A 189 -16.27 8.87 6.46
C VAL A 189 -17.33 9.31 5.46
N THR A 190 -18.53 8.73 5.52
CA THR A 190 -19.61 9.09 4.61
C THR A 190 -20.04 10.54 4.83
N ARG A 191 -20.00 11.00 6.09
CA ARG A 191 -20.46 12.37 6.41
C ARG A 191 -19.40 13.37 5.94
N LEU A 192 -18.13 13.03 6.12
CA LEU A 192 -17.02 13.92 5.75
C LEU A 192 -16.88 14.05 4.23
N LEU A 193 -16.96 12.93 3.49
CA LEU A 193 -16.85 12.94 2.03
C LEU A 193 -17.97 13.76 1.38
N GLY A 194 -19.20 13.63 1.86
CA GLY A 194 -20.29 14.48 1.43
C GLY A 194 -20.07 15.97 1.73
N ASP A 195 -19.52 16.25 2.92
CA ASP A 195 -19.18 17.59 3.35
C ASP A 195 -18.05 18.16 2.48
N LEU A 196 -17.28 17.29 1.80
CA LEU A 196 -16.21 17.71 0.90
C LEU A 196 -16.67 17.78 -0.56
N ARG A 197 -17.54 16.85 -0.97
CA ARG A 197 -18.12 16.85 -2.31
C ARG A 197 -18.93 18.12 -2.54
N GLU A 198 -19.80 18.44 -1.55
CA GLU A 198 -20.69 19.60 -1.62
C GLU A 198 -19.92 20.88 -1.30
N SER A 199 -18.62 20.72 -0.96
CA SER A 199 -17.68 21.84 -0.84
C SER A 199 -16.89 22.03 -2.13
N LYS A 200 -17.30 21.33 -3.19
CA LYS A 200 -16.63 21.37 -4.48
C LYS A 200 -15.09 21.13 -4.36
N LEU A 201 -14.64 20.19 -3.51
CA LEU A 201 -13.24 19.78 -3.38
C LEU A 201 -12.96 18.33 -3.85
N ILE A 202 -13.99 17.47 -3.89
CA ILE A 202 -13.90 16.07 -4.29
C ILE A 202 -14.93 15.79 -5.39
N ALA A 203 -14.60 14.79 -6.24
CA ALA A 203 -15.57 14.14 -7.11
C ALA A 203 -15.59 12.65 -6.79
N ILE A 204 -16.78 12.02 -6.70
CA ILE A 204 -16.79 10.57 -6.57
C ILE A 204 -17.48 9.92 -7.78
N HIS A 205 -16.69 9.22 -8.62
CA HIS A 205 -17.26 8.44 -9.72
C HIS A 205 -17.05 6.96 -9.41
N LYS A 206 -17.99 6.10 -9.76
CA LYS A 206 -17.86 4.70 -9.39
C LYS A 206 -17.69 4.63 -7.88
N LYS A 207 -16.49 4.22 -7.42
CA LYS A 207 -16.07 4.65 -6.09
C LYS A 207 -14.68 5.28 -6.17
N ARG A 208 -14.23 5.63 -7.38
CA ARG A 208 -12.97 6.37 -7.50
C ARG A 208 -13.18 7.82 -7.03
N ILE A 209 -12.16 8.38 -6.36
CA ILE A 209 -12.24 9.74 -5.82
C ILE A 209 -11.27 10.63 -6.58
N THR A 210 -11.80 11.64 -7.28
CA THR A 210 -10.95 12.62 -7.92
C THR A 210 -10.86 13.88 -7.07
N VAL A 211 -9.63 14.36 -6.83
CA VAL A 211 -9.39 15.59 -6.10
C VAL A 211 -9.06 16.70 -7.09
N PHE A 212 -9.86 17.78 -7.05
CA PHE A 212 -9.72 18.87 -8.00
C PHE A 212 -8.40 19.57 -7.78
N ASN A 213 -8.15 19.95 -6.52
CA ASN A 213 -6.93 20.70 -6.19
C ASN A 213 -6.39 20.18 -4.87
N PRO A 214 -5.19 19.57 -4.89
CA PRO A 214 -4.53 19.06 -3.69
C PRO A 214 -4.00 20.13 -2.77
N VAL A 215 -3.72 21.32 -3.33
CA VAL A 215 -3.28 22.47 -2.55
C VAL A 215 -4.47 22.99 -1.73
N ALA A 216 -5.64 23.11 -2.37
CA ALA A 216 -6.83 23.64 -1.73
C ALA A 216 -7.35 22.68 -0.67
N LEU A 217 -7.32 21.37 -0.96
CA LEU A 217 -7.75 20.34 -0.03
C LEU A 217 -6.86 20.34 1.21
N SER A 218 -5.54 20.31 0.97
CA SER A 218 -4.53 20.36 2.02
C SER A 218 -4.85 21.45 3.03
N GLN A 219 -5.12 22.67 2.51
CA GLN A 219 -5.27 23.85 3.35
C GLN A 219 -6.69 23.97 3.90
N GLN A 220 -7.04 23.04 4.78
CA GLN A 220 -8.12 23.19 5.73
C GLN A 220 -7.87 22.24 6.90
N PHE A 221 -7.81 22.82 8.11
CA PHE A 221 -7.67 22.01 9.31
C PHE A 221 -9.02 21.33 9.60
N SER A 222 -9.59 20.65 8.57
CA SER A 222 -10.93 20.07 8.56
C SER A 222 -11.01 18.99 7.46
#